data_6CU1
#
_entry.id   6CU1
#
_cell.length_a   59.409
_cell.length_b   147.108
_cell.length_c   101.564
_cell.angle_alpha   90.00
_cell.angle_beta   90.00
_cell.angle_gamma   90.00
#
_symmetry.space_group_name_H-M   'C 2 2 21'
#
loop_
_entity.id
_entity.type
_entity.pdbx_description
1 polymer 'YrlA effector-binding module'
2 non-polymer 'MAGNESIUM ION'
3 non-polymer 'SULFATE ION'
4 water water
#
_entity_poly.entity_id   1
_entity_poly.type   'polyribonucleotide'
_entity_poly.pdbx_seq_one_letter_code
;(GTP)GGUGGCUCUACAUUUGUUGCGGGUUCGAGACCCGUCAGAGCGAAAGCUCUGUAGCUCAAUGGUAGAGCGGUGUAG
UCACC
;
_entity_poly.pdbx_strand_id   A
#